data_3GN5
#
_entry.id   3GN5
#
_cell.length_a   62.054
_cell.length_b   30.965
_cell.length_c   75.542
_cell.angle_alpha   90.00
_cell.angle_beta   106.60
_cell.angle_gamma   90.00
#
_symmetry.space_group_name_H-M   'P 1 21 1'
#
loop_
_entity.id
_entity.type
_entity.pdbx_description
1 polymer 'HTH-type transcriptional regulator MQSA (YGIT/b3021)'
2 polymer 'HTH-type transcriptional regulator MQSA (YGIT/b3021)'
3 non-polymer 'ZINC ION'
4 non-polymer GLYCEROL
5 water water
#
loop_
_entity_poly.entity_id
_entity_poly.type
_entity_poly.pdbx_seq_one_letter_code
_entity_poly.pdbx_strand_id
1 'polypeptide(L)'
;GHMKCPVCHQGEMVSGIKDIPYTFRGRKTVLKGIHGLYCVHCEESIMNKEESDAFMAQVKAFRASVNAETVAPEFIVKVR
KKLSLTQKEASEIFGGGVNAFSRYEKGNAQPHPSTIKLLRVLDKHPELLNEIR
;
A
2 'polypeptide(L)'
;GHMKCPVCHQGEMVSGIKDIPYTFRGRKTVLKGIHGLYCVHCEESIMNKEESDAFMAQVKAFRASVNAETVAPEFIVKVR
KKLSLTQKEASEIFGGGVNAFSRYEKGNA(MEQ)PHPSTIKLLRVLDKHPELLNEIR
;
B
#
# COMPACT_ATOMS: atom_id res chain seq x y z
N HIS A 2 -0.52 -23.01 42.76
CA HIS A 2 -0.10 -23.82 41.58
C HIS A 2 -1.29 -24.38 40.78
N MET A 3 -1.81 -23.62 39.81
CA MET A 3 -2.84 -24.17 38.92
C MET A 3 -2.24 -24.56 37.56
N LYS A 4 -2.49 -25.80 37.16
CA LYS A 4 -2.04 -26.34 35.89
C LYS A 4 -2.92 -25.81 34.75
N CYS A 5 -2.31 -25.58 33.60
CA CYS A 5 -3.06 -25.09 32.47
C CYS A 5 -4.14 -26.10 32.06
N PRO A 6 -5.39 -25.63 31.93
CA PRO A 6 -6.47 -26.54 31.57
C PRO A 6 -6.59 -26.77 30.07
N VAL A 7 -5.69 -26.20 29.26
CA VAL A 7 -5.67 -26.46 27.84
C VAL A 7 -4.53 -27.45 27.48
N CYS A 8 -3.28 -27.13 27.81
CA CYS A 8 -2.15 -28.03 27.49
C CYS A 8 -1.84 -29.05 28.59
N HIS A 9 -2.36 -28.84 29.80
CA HIS A 9 -2.19 -29.76 30.93
C HIS A 9 -0.74 -30.04 31.29
N GLN A 10 0.16 -29.11 30.97
CA GLN A 10 1.56 -29.26 31.30
C GLN A 10 2.04 -28.09 32.13
N GLY A 11 2.01 -26.89 31.55
CA GLY A 11 2.53 -25.71 32.20
C GLY A 11 1.68 -25.20 33.36
N GLU A 12 2.26 -24.28 34.11
CA GLU A 12 1.59 -23.62 35.24
C GLU A 12 1.02 -22.28 34.79
N MET A 13 -0.17 -21.92 35.29
CA MET A 13 -0.75 -20.58 35.06
C MET A 13 -0.18 -19.54 36.03
N VAL A 14 0.49 -18.51 35.51
CA VAL A 14 1.02 -17.45 36.37
C VAL A 14 0.43 -16.09 35.96
N SER A 15 0.03 -15.30 36.97
CA SER A 15 -0.51 -13.96 36.70
C SER A 15 0.55 -13.05 36.08
N GLY A 16 0.12 -12.21 35.15
CA GLY A 16 1.02 -11.34 34.41
C GLY A 16 0.30 -10.30 33.59
N ILE A 17 1.07 -9.52 32.85
CA ILE A 17 0.57 -8.44 32.01
C ILE A 17 1.26 -8.60 30.67
N LYS A 18 0.48 -8.84 29.61
CA LYS A 18 1.04 -9.10 28.31
C LYS A 18 0.36 -8.26 27.23
N ASP A 19 1.13 -7.98 26.19
CA ASP A 19 0.63 -7.33 24.99
C ASP A 19 0.17 -8.45 24.06
N ILE A 20 -1.04 -8.35 23.54
CA ILE A 20 -1.65 -9.44 22.78
C ILE A 20 -1.92 -8.95 21.35
N PRO A 21 -1.28 -9.58 20.35
CA PRO A 21 -1.55 -9.23 18.95
C PRO A 21 -2.98 -9.61 18.57
N TYR A 22 -3.63 -8.79 17.77
CA TYR A 22 -5.00 -9.06 17.36
C TYR A 22 -5.23 -8.51 15.96
N THR A 23 -5.86 -9.34 15.13
CA THR A 23 -6.23 -8.99 13.78
C THR A 23 -7.73 -9.10 13.65
N PHE A 24 -8.31 -8.09 13.01
CA PHE A 24 -9.73 -8.01 12.78
C PHE A 24 -10.00 -7.31 11.43
N ARG A 25 -10.75 -7.97 10.55
CA ARG A 25 -11.07 -7.44 9.23
C ARG A 25 -9.85 -6.89 8.48
N GLY A 26 -8.78 -7.68 8.53
CA GLY A 26 -7.52 -7.35 7.87
C GLY A 26 -6.70 -6.26 8.51
N ARG A 27 -7.15 -5.70 9.64
CA ARG A 27 -6.36 -4.73 10.42
C ARG A 27 -5.71 -5.34 11.65
N LYS A 28 -4.47 -4.95 11.90
CA LYS A 28 -3.67 -5.49 12.99
C LYS A 28 -3.48 -4.44 14.09
N THR A 29 -3.46 -4.91 15.33
CA THR A 29 -3.18 -4.09 16.47
C THR A 29 -2.47 -4.92 17.56
N VAL A 30 -1.99 -4.24 18.59
CA VAL A 30 -1.48 -4.92 19.77
C VAL A 30 -2.36 -4.47 20.92
N LEU A 31 -3.03 -5.43 21.56
CA LEU A 31 -3.80 -5.11 22.76
C LEU A 31 -2.82 -5.03 23.93
N LYS A 32 -2.62 -3.82 24.44
CA LYS A 32 -1.54 -3.51 25.36
C LYS A 32 -1.93 -3.70 26.81
N GLY A 33 -0.99 -4.21 27.61
CA GLY A 33 -1.12 -4.28 29.06
C GLY A 33 -2.27 -5.12 29.56
N ILE A 34 -2.47 -6.29 28.96
CA ILE A 34 -3.58 -7.16 29.33
C ILE A 34 -3.23 -8.04 30.54
N HIS A 35 -3.93 -7.80 31.64
CA HIS A 35 -3.86 -8.62 32.85
C HIS A 35 -4.62 -9.93 32.70
N GLY A 36 -4.02 -11.01 33.19
CA GLY A 36 -4.66 -12.31 33.25
C GLY A 36 -3.68 -13.35 33.78
N LEU A 37 -4.15 -14.57 33.96
CA LEU A 37 -3.26 -15.72 34.18
C LEU A 37 -2.82 -16.20 32.83
N TYR A 38 -1.52 -16.48 32.69
CA TYR A 38 -1.00 -17.01 31.43
C TYR A 38 -0.23 -18.31 31.64
N CYS A 39 -0.44 -19.29 30.76
CA CYS A 39 0.31 -20.55 30.85
C CYS A 39 1.76 -20.32 30.42
N VAL A 40 2.70 -20.70 31.27
CA VAL A 40 4.13 -20.58 30.92
C VAL A 40 4.48 -21.44 29.72
N HIS A 41 3.76 -22.54 29.49
CA HIS A 41 4.07 -23.44 28.36
C HIS A 41 3.40 -23.07 27.03
N CYS A 42 2.08 -22.86 27.01
CA CYS A 42 1.38 -22.58 25.74
C CYS A 42 0.80 -21.17 25.61
N GLU A 43 0.97 -20.34 26.64
CA GLU A 43 0.48 -18.95 26.60
C GLU A 43 -1.05 -18.80 26.58
N GLU A 44 -1.79 -19.86 26.87
CA GLU A 44 -3.25 -19.75 27.04
C GLU A 44 -3.49 -18.72 28.14
N SER A 45 -4.50 -17.86 27.96
CA SER A 45 -4.86 -16.84 28.94
C SER A 45 -6.16 -17.19 29.63
N ILE A 46 -6.22 -16.87 30.93
CA ILE A 46 -7.41 -17.05 31.73
C ILE A 46 -7.65 -15.71 32.44
N MET A 47 -8.81 -15.11 32.16
CA MET A 47 -9.13 -13.80 32.68
C MET A 47 -10.37 -13.88 33.54
N ASN A 48 -10.30 -13.27 34.72
CA ASN A 48 -11.45 -13.18 35.61
C ASN A 48 -12.44 -12.15 35.08
N LYS A 49 -13.51 -11.93 35.82
CA LYS A 49 -14.58 -11.05 35.37
C LYS A 49 -14.08 -9.65 35.00
N GLU A 50 -13.25 -9.08 35.88
CA GLU A 50 -12.74 -7.73 35.73
C GLU A 50 -11.73 -7.63 34.59
N GLU A 51 -10.83 -8.60 34.56
CA GLU A 51 -9.84 -8.66 33.52
C GLU A 51 -10.49 -8.81 32.15
N SER A 52 -11.56 -9.62 32.10
CA SER A 52 -12.28 -9.88 30.85
C SER A 52 -13.01 -8.64 30.33
N ASP A 53 -13.56 -7.86 31.26
CA ASP A 53 -14.14 -6.55 30.99
C ASP A 53 -13.13 -5.58 30.41
N ALA A 54 -11.96 -5.45 31.04
CA ALA A 54 -10.90 -4.60 30.50
C ALA A 54 -10.50 -5.03 29.08
N PHE A 55 -10.16 -6.30 28.93
CA PHE A 55 -9.80 -6.90 27.63
C PHE A 55 -10.87 -6.69 26.54
N MET A 56 -12.11 -7.04 26.83
CA MET A 56 -13.18 -6.90 25.84
C MET A 56 -13.50 -5.46 25.45
N ALA A 57 -13.36 -4.52 26.40
CA ALA A 57 -13.47 -3.10 26.07
C ALA A 57 -12.40 -2.71 25.04
N GLN A 58 -11.17 -3.17 25.21
CA GLN A 58 -10.10 -2.88 24.28
C GLN A 58 -10.34 -3.54 22.90
N VAL A 59 -10.76 -4.80 22.93
CA VAL A 59 -11.09 -5.52 21.71
C VAL A 59 -12.21 -4.82 20.94
N LYS A 60 -13.29 -4.48 21.65
CA LYS A 60 -14.45 -3.86 21.02
C LYS A 60 -14.21 -2.44 20.56
N ALA A 61 -13.34 -1.69 21.26
CA ALA A 61 -12.96 -0.35 20.79
C ALA A 61 -12.19 -0.48 19.48
N PHE A 62 -11.33 -1.50 19.36
CA PHE A 62 -10.62 -1.72 18.11
C PHE A 62 -11.58 -2.10 16.97
N ARG A 63 -12.50 -3.03 17.21
CA ARG A 63 -13.46 -3.43 16.19
C ARG A 63 -14.30 -2.25 15.70
N ALA A 64 -14.78 -1.44 16.65
CA ALA A 64 -15.62 -0.26 16.36
C ALA A 64 -14.90 0.72 15.45
N SER A 65 -13.62 0.92 15.73
CA SER A 65 -12.82 1.86 14.97
C SER A 65 -12.56 1.30 13.56
N VAL A 66 -12.22 0.01 13.44
CA VAL A 66 -12.03 -0.62 12.11
C VAL A 66 -13.31 -0.56 11.27
N ASN A 67 -14.44 -0.92 11.87
CA ASN A 67 -15.74 -0.85 11.19
C ASN A 67 -16.14 0.57 10.72
N ALA A 68 -15.88 1.58 11.55
CA ALA A 68 -16.15 2.98 11.21
C ALA A 68 -15.26 3.47 10.09
N GLU A 69 -14.01 3.00 10.07
CA GLU A 69 -13.06 3.43 9.02
C GLU A 69 -13.32 2.71 7.69
N THR A 70 -13.70 1.44 7.78
CA THR A 70 -13.92 0.59 6.60
C THR A 70 -15.14 1.06 5.80
N VAL A 71 -15.06 0.94 4.47
CA VAL A 71 -16.17 1.33 3.60
C VAL A 71 -16.73 0.10 2.88
N ALA A 72 -18.00 0.16 2.53
CA ALA A 72 -18.68 -0.96 1.86
C ALA A 72 -18.15 -1.09 0.42
N PRO A 73 -18.05 -2.33 -0.11
CA PRO A 73 -17.81 -2.51 -1.57
C PRO A 73 -18.66 -1.59 -2.45
N GLU A 74 -19.94 -1.45 -2.09
CA GLU A 74 -20.89 -0.63 -2.83
C GLU A 74 -20.48 0.83 -2.87
N PHE A 75 -19.90 1.34 -1.79
CA PHE A 75 -19.40 2.73 -1.73
C PHE A 75 -18.23 2.92 -2.70
N ILE A 76 -17.32 1.96 -2.71
CA ILE A 76 -16.13 1.97 -3.58
C ILE A 76 -16.55 2.03 -5.06
N VAL A 77 -17.51 1.19 -5.43
CA VAL A 77 -18.05 1.17 -6.81
C VAL A 77 -18.66 2.51 -7.18
N LYS A 78 -19.45 3.05 -6.24
CA LYS A 78 -20.16 4.31 -6.50
C LYS A 78 -19.19 5.43 -6.71
N VAL A 79 -18.17 5.51 -5.86
CA VAL A 79 -17.19 6.59 -5.99
C VAL A 79 -16.43 6.41 -7.30
N ARG A 80 -16.03 5.19 -7.62
CA ARG A 80 -15.37 4.93 -8.88
C ARG A 80 -16.24 5.36 -10.10
N LYS A 81 -17.53 5.00 -10.08
CA LYS A 81 -18.42 5.29 -11.18
C LYS A 81 -18.72 6.82 -11.29
N LYS A 82 -18.81 7.49 -10.14
CA LYS A 82 -18.93 8.95 -10.06
C LYS A 82 -17.77 9.67 -10.79
N LEU A 83 -16.63 9.00 -10.83
CA LEU A 83 -15.46 9.53 -11.49
C LEU A 83 -15.27 8.98 -12.92
N SER A 84 -16.23 8.18 -13.39
CA SER A 84 -16.17 7.50 -14.70
C SER A 84 -14.86 6.76 -14.96
N LEU A 85 -14.40 5.98 -13.97
CA LEU A 85 -13.15 5.25 -14.05
C LEU A 85 -13.45 3.76 -14.14
N THR A 86 -12.63 3.03 -14.89
CA THR A 86 -12.67 1.58 -14.86
C THR A 86 -12.01 1.09 -13.59
N GLN A 87 -12.11 -0.20 -13.26
CA GLN A 87 -11.45 -0.72 -12.09
C GLN A 87 -9.93 -0.59 -12.22
N LYS A 88 -9.39 -0.73 -13.43
CA LYS A 88 -7.94 -0.64 -13.67
C LYS A 88 -7.43 0.78 -13.47
N GLU A 89 -8.18 1.76 -13.98
CA GLU A 89 -7.75 3.15 -13.83
C GLU A 89 -7.79 3.57 -12.37
N ALA A 90 -8.83 3.16 -11.67
CA ALA A 90 -8.97 3.47 -10.26
C ALA A 90 -7.84 2.85 -9.43
N SER A 91 -7.51 1.58 -9.69
CA SER A 91 -6.39 0.95 -8.98
C SER A 91 -5.09 1.75 -9.18
N GLU A 92 -4.85 2.14 -10.43
CA GLU A 92 -3.69 2.98 -10.78
C GLU A 92 -3.74 4.37 -10.12
N ILE A 93 -4.90 5.01 -10.15
CA ILE A 93 -5.03 6.39 -9.65
C ILE A 93 -5.03 6.47 -8.11
N PHE A 94 -5.76 5.57 -7.46
CA PHE A 94 -5.84 5.62 -5.99
C PHE A 94 -4.75 4.83 -5.32
N GLY A 95 -4.37 3.71 -5.92
CA GLY A 95 -3.39 2.81 -5.34
C GLY A 95 -3.99 1.46 -5.01
N GLY A 96 -3.13 0.48 -4.85
CA GLY A 96 -3.56 -0.83 -4.39
C GLY A 96 -2.96 -1.98 -5.17
N GLY A 97 -2.49 -1.67 -6.38
CA GLY A 97 -1.92 -2.69 -7.27
C GLY A 97 -2.90 -3.12 -8.34
N VAL A 98 -2.43 -3.99 -9.23
CA VAL A 98 -3.24 -4.55 -10.32
C VAL A 98 -4.38 -5.35 -9.70
N ASN A 99 -5.59 -5.16 -10.23
CA ASN A 99 -6.77 -5.84 -9.70
C ASN A 99 -7.17 -5.37 -8.29
N ALA A 100 -6.61 -4.28 -7.77
CA ALA A 100 -6.99 -3.84 -6.42
C ALA A 100 -8.51 -3.61 -6.36
N PHE A 101 -9.03 -2.81 -7.26
CA PHE A 101 -10.45 -2.44 -7.20
C PHE A 101 -11.38 -3.59 -7.54
N SER A 102 -10.94 -4.49 -8.40
CA SER A 102 -11.72 -5.70 -8.67
C SER A 102 -11.90 -6.54 -7.40
N ARG A 103 -10.84 -6.63 -6.58
CA ARG A 103 -10.91 -7.29 -5.28
C ARG A 103 -11.72 -6.50 -4.25
N TYR A 104 -11.49 -5.18 -4.17
CA TYR A 104 -12.24 -4.33 -3.24
C TYR A 104 -13.73 -4.36 -3.47
N GLU A 105 -14.14 -4.45 -4.73
CA GLU A 105 -15.56 -4.35 -5.07
C GLU A 105 -16.30 -5.66 -4.92
N LYS A 106 -15.56 -6.78 -4.91
CA LYS A 106 -16.13 -8.08 -4.52
C LYS A 106 -16.16 -8.30 -3.00
N GLY A 107 -15.60 -7.37 -2.22
CA GLY A 107 -15.53 -7.50 -0.76
C GLY A 107 -14.44 -8.47 -0.36
N ASN A 108 -13.48 -8.66 -1.26
CA ASN A 108 -12.42 -9.66 -1.09
C ASN A 108 -11.10 -9.10 -0.55
N ALA A 109 -11.05 -7.79 -0.32
CA ALA A 109 -9.86 -7.15 0.24
C ALA A 109 -10.17 -5.76 0.81
N GLN A 110 -9.38 -5.38 1.82
CA GLN A 110 -9.40 -4.05 2.40
C GLN A 110 -8.41 -3.15 1.65
N PRO A 111 -8.87 -1.96 1.21
CA PRO A 111 -7.90 -0.97 0.77
C PRO A 111 -7.05 -0.50 1.95
N HIS A 112 -5.87 0.03 1.64
CA HIS A 112 -5.05 0.71 2.61
C HIS A 112 -5.89 1.90 3.16
N PRO A 113 -5.77 2.20 4.47
CA PRO A 113 -6.47 3.34 5.04
C PRO A 113 -6.40 4.63 4.21
N SER A 114 -5.27 4.89 3.54
CA SER A 114 -5.10 6.11 2.72
C SER A 114 -5.88 6.06 1.40
N THR A 115 -6.05 4.85 0.84
CA THR A 115 -6.92 4.66 -0.34
C THR A 115 -8.39 4.95 0.03
N ILE A 116 -8.84 4.42 1.18
CA ILE A 116 -10.20 4.65 1.68
C ILE A 116 -10.43 6.16 1.86
N LYS A 117 -9.49 6.81 2.52
CA LYS A 117 -9.59 8.24 2.78
C LYS A 117 -9.56 9.08 1.51
N LEU A 118 -8.68 8.73 0.58
CA LEU A 118 -8.66 9.36 -0.77
C LEU A 118 -10.02 9.17 -1.48
N LEU A 119 -10.60 7.96 -1.40
CA LEU A 119 -11.94 7.73 -1.95
C LEU A 119 -13.00 8.61 -1.32
N ARG A 120 -12.94 8.75 0.00
CA ARG A 120 -13.87 9.63 0.74
C ARG A 120 -13.79 11.10 0.33
N VAL A 121 -12.57 11.58 0.10
CA VAL A 121 -12.35 12.95 -0.37
C VAL A 121 -12.77 13.17 -1.82
N LEU A 122 -12.46 12.20 -2.70
CA LEU A 122 -12.87 12.28 -4.10
C LEU A 122 -14.38 12.15 -4.27
N ASP A 123 -15.03 11.44 -3.37
CA ASP A 123 -16.49 11.36 -3.36
C ASP A 123 -17.09 12.78 -3.25
N LYS A 124 -16.56 13.55 -2.31
CA LYS A 124 -17.06 14.89 -2.04
C LYS A 124 -16.44 15.94 -2.96
N HIS A 125 -15.24 15.64 -3.46
CA HIS A 125 -14.46 16.54 -4.31
C HIS A 125 -14.02 15.88 -5.60
N PRO A 126 -14.95 15.54 -6.49
CA PRO A 126 -14.52 14.89 -7.74
C PRO A 126 -13.61 15.74 -8.62
N GLU A 127 -13.53 17.05 -8.37
CA GLU A 127 -12.65 17.96 -9.10
C GLU A 127 -11.17 17.74 -8.82
N LEU A 128 -10.86 17.08 -7.70
CA LEU A 128 -9.49 16.77 -7.32
C LEU A 128 -8.85 15.63 -8.10
N LEU A 129 -9.64 14.95 -8.93
CA LEU A 129 -9.13 13.80 -9.67
C LEU A 129 -7.84 14.14 -10.46
N ASN A 130 -7.80 15.31 -11.10
CA ASN A 130 -6.60 15.74 -11.85
C ASN A 130 -5.31 15.82 -11.02
N GLU A 131 -5.44 16.09 -9.72
CA GLU A 131 -4.28 16.22 -8.85
C GLU A 131 -3.66 14.88 -8.50
N ILE A 132 -4.46 13.81 -8.55
CA ILE A 132 -3.95 12.47 -8.18
C ILE A 132 -3.73 11.51 -9.36
N ARG A 133 -4.12 11.91 -10.57
CA ARG A 133 -4.00 11.03 -11.75
C ARG A 133 -2.78 11.36 -12.61
N MET B 3 23.30 -11.42 -41.34
CA MET B 3 24.34 -11.86 -40.37
C MET B 3 23.76 -12.90 -39.41
N LYS B 4 24.60 -13.86 -39.02
CA LYS B 4 24.22 -14.86 -38.04
C LYS B 4 24.19 -14.20 -36.68
N CYS B 5 23.29 -14.65 -35.82
CA CYS B 5 23.17 -14.10 -34.49
C CYS B 5 24.45 -14.38 -33.67
N PRO B 6 25.08 -13.32 -33.13
CA PRO B 6 26.34 -13.49 -32.39
C PRO B 6 26.20 -14.07 -30.97
N VAL B 7 24.96 -14.38 -30.56
CA VAL B 7 24.69 -14.95 -29.25
C VAL B 7 24.30 -16.43 -29.31
N CYS B 8 23.30 -16.78 -30.11
CA CYS B 8 22.87 -18.16 -30.20
C CYS B 8 23.54 -18.89 -31.37
N HIS B 9 24.06 -18.14 -32.34
CA HIS B 9 24.83 -18.70 -33.47
C HIS B 9 23.99 -19.59 -34.39
N GLN B 10 22.67 -19.56 -34.20
CA GLN B 10 21.76 -20.41 -34.95
C GLN B 10 20.48 -19.65 -35.26
N GLY B 11 20.64 -18.53 -35.97
CA GLY B 11 19.52 -17.66 -36.28
C GLY B 11 20.04 -16.48 -37.08
N GLU B 12 19.22 -16.01 -38.01
CA GLU B 12 19.54 -14.82 -38.81
C GLU B 12 18.99 -13.57 -38.14
N MET B 13 19.78 -12.50 -38.17
CA MET B 13 19.35 -11.20 -37.67
C MET B 13 18.58 -10.52 -38.78
N VAL B 14 17.35 -10.09 -38.49
CA VAL B 14 16.54 -9.39 -39.47
C VAL B 14 16.07 -8.03 -38.94
N SER B 15 16.04 -7.05 -39.83
CA SER B 15 15.61 -5.70 -39.50
C SER B 15 14.10 -5.70 -39.25
N GLY B 16 13.70 -5.04 -38.18
CA GLY B 16 12.32 -4.98 -37.83
C GLY B 16 12.06 -4.07 -36.68
N ILE B 17 10.86 -4.21 -36.15
CA ILE B 17 10.33 -3.39 -35.10
C ILE B 17 9.68 -4.36 -34.10
N LYS B 18 9.94 -4.16 -32.81
CA LYS B 18 9.33 -4.98 -31.79
C LYS B 18 8.94 -4.16 -30.57
N ASP B 19 7.87 -4.62 -29.92
CA ASP B 19 7.50 -4.13 -28.58
C ASP B 19 8.25 -4.96 -27.56
N ILE B 20 9.05 -4.28 -26.72
CA ILE B 20 10.01 -4.94 -25.84
C ILE B 20 9.56 -4.78 -24.39
N PRO B 21 9.25 -5.88 -23.70
CA PRO B 21 8.92 -5.71 -22.27
C PRO B 21 10.16 -5.30 -21.44
N TYR B 22 9.92 -4.49 -20.43
CA TYR B 22 10.99 -3.96 -19.61
C TYR B 22 10.52 -3.78 -18.18
N THR B 23 11.33 -4.26 -17.25
CA THR B 23 11.06 -4.18 -15.83
C THR B 23 12.16 -3.39 -15.13
N PHE B 24 11.74 -2.48 -14.27
CA PHE B 24 12.63 -1.63 -13.55
C PHE B 24 12.09 -1.38 -12.15
N ARG B 25 12.91 -1.72 -11.15
CA ARG B 25 12.51 -1.63 -9.75
C ARG B 25 11.18 -2.36 -9.52
N GLY B 26 11.05 -3.55 -10.11
CA GLY B 26 9.81 -4.34 -10.02
C GLY B 26 8.59 -3.85 -10.82
N ARG B 27 8.70 -2.70 -11.49
CA ARG B 27 7.61 -2.17 -12.32
C ARG B 27 7.79 -2.62 -13.77
N LYS B 28 6.71 -3.12 -14.37
CA LYS B 28 6.75 -3.66 -15.74
C LYS B 28 6.10 -2.68 -16.71
N THR B 29 6.69 -2.62 -17.90
CA THR B 29 6.20 -1.78 -19.01
C THR B 29 6.52 -2.51 -20.31
N VAL B 30 5.98 -2.01 -21.42
CA VAL B 30 6.39 -2.48 -22.76
C VAL B 30 6.89 -1.25 -23.47
N LEU B 31 8.13 -1.33 -23.97
CA LEU B 31 8.73 -0.25 -24.75
C LEU B 31 8.32 -0.45 -26.21
N LYS B 32 7.55 0.48 -26.74
CA LYS B 32 6.81 0.26 -27.99
C LYS B 32 7.59 0.68 -29.21
N GLY B 33 7.48 -0.11 -30.27
CA GLY B 33 8.01 0.24 -31.58
C GLY B 33 9.50 0.46 -31.64
N ILE B 34 10.25 -0.47 -31.09
CA ILE B 34 11.69 -0.40 -31.08
C ILE B 34 12.27 -1.01 -32.36
N HIS B 35 12.92 -0.17 -33.16
CA HIS B 35 13.65 -0.59 -34.35
C HIS B 35 14.96 -1.26 -33.99
N GLY B 36 15.29 -2.33 -34.69
CA GLY B 36 16.56 -3.00 -34.49
C GLY B 36 16.74 -4.16 -35.46
N LEU B 37 17.86 -4.86 -35.30
CA LEU B 37 18.04 -6.18 -35.90
C LEU B 37 17.63 -7.17 -34.84
N TYR B 38 16.80 -8.16 -35.20
CA TYR B 38 16.36 -9.17 -34.22
C TYR B 38 16.66 -10.55 -34.73
N CYS B 39 17.18 -11.38 -33.83
CA CYS B 39 17.40 -12.77 -34.15
C CYS B 39 16.06 -13.47 -34.31
N VAL B 40 15.92 -14.18 -35.43
CA VAL B 40 14.71 -14.96 -35.66
C VAL B 40 14.58 -16.09 -34.63
N HIS B 41 15.71 -16.59 -34.12
CA HIS B 41 15.70 -17.73 -33.18
C HIS B 41 15.53 -17.37 -31.71
N CYS B 42 16.36 -16.45 -31.21
CA CYS B 42 16.44 -16.19 -29.75
C CYS B 42 16.00 -14.79 -29.36
N GLU B 43 15.71 -13.93 -30.33
CA GLU B 43 15.26 -12.57 -30.03
C GLU B 43 16.32 -11.61 -29.45
N GLU B 44 17.60 -12.00 -29.49
CA GLU B 44 18.69 -11.05 -29.27
C GLU B 44 18.48 -9.87 -30.21
N SER B 45 18.70 -8.66 -29.70
CA SER B 45 18.60 -7.44 -30.48
C SER B 45 19.97 -6.79 -30.66
N ILE B 46 20.20 -6.26 -31.85
CA ILE B 46 21.38 -5.47 -32.16
C ILE B 46 20.88 -4.11 -32.64
N MET B 47 21.24 -3.04 -31.93
CA MET B 47 20.78 -1.71 -32.27
C MET B 47 21.97 -0.83 -32.61
N ASN B 48 21.91 -0.21 -33.78
CA ASN B 48 22.87 0.83 -34.14
C ASN B 48 22.74 2.05 -33.22
N LYS B 49 23.63 3.01 -33.39
CA LYS B 49 23.68 4.20 -32.52
C LYS B 49 22.34 4.92 -32.46
N GLU B 50 21.80 5.21 -33.63
CA GLU B 50 20.54 5.93 -33.77
C GLU B 50 19.38 5.17 -33.10
N GLU B 51 19.29 3.86 -33.35
CA GLU B 51 18.29 2.98 -32.71
C GLU B 51 18.44 2.85 -31.18
N SER B 52 19.67 2.76 -30.71
CA SER B 52 19.97 2.72 -29.28
C SER B 52 19.53 4.00 -28.56
N ASP B 53 19.72 5.17 -29.17
CA ASP B 53 19.30 6.46 -28.59
C ASP B 53 17.79 6.56 -28.37
N ALA B 54 17.04 6.12 -29.38
CA ALA B 54 15.60 6.02 -29.31
C ALA B 54 15.15 5.06 -28.20
N PHE B 55 15.74 3.88 -28.17
CA PHE B 55 15.44 2.86 -27.17
C PHE B 55 15.75 3.39 -25.77
N MET B 56 16.97 3.88 -25.56
CA MET B 56 17.39 4.37 -24.26
C MET B 56 16.60 5.58 -23.76
N ALA B 57 16.15 6.43 -24.69
CA ALA B 57 15.25 7.53 -24.36
C ALA B 57 13.91 7.04 -23.77
N GLN B 58 13.38 5.91 -24.26
CA GLN B 58 12.17 5.31 -23.63
C GLN B 58 12.48 4.63 -22.31
N VAL B 59 13.56 3.86 -22.29
CA VAL B 59 14.03 3.25 -21.03
C VAL B 59 14.18 4.33 -19.93
N LYS B 60 14.89 5.39 -20.27
CA LYS B 60 15.17 6.45 -19.29
C LYS B 60 13.94 7.26 -18.89
N ALA B 61 13.00 7.47 -19.82
CA ALA B 61 11.77 8.19 -19.50
C ALA B 61 10.91 7.35 -18.53
N PHE B 62 10.89 6.04 -18.72
CA PHE B 62 10.20 5.14 -17.79
C PHE B 62 10.89 5.08 -16.41
N ARG B 63 12.22 4.94 -16.38
CA ARG B 63 12.94 4.97 -15.08
C ARG B 63 12.63 6.25 -14.31
N ALA B 64 12.72 7.38 -15.00
CA ALA B 64 12.50 8.70 -14.41
C ALA B 64 11.10 8.87 -13.83
N SER B 65 10.07 8.39 -14.52
CA SER B 65 8.71 8.50 -13.99
C SER B 65 8.46 7.56 -12.78
N VAL B 66 9.02 6.35 -12.83
CA VAL B 66 8.95 5.44 -11.67
C VAL B 66 9.65 6.07 -10.45
N ASN B 67 10.88 6.53 -10.64
CA ASN B 67 11.66 7.16 -9.56
C ASN B 67 10.96 8.37 -8.94
N ALA B 68 10.30 9.15 -9.79
CA ALA B 68 9.68 10.41 -9.39
C ALA B 68 8.40 10.20 -8.55
N GLU B 69 7.89 8.97 -8.53
CA GLU B 69 6.79 8.61 -7.62
C GLU B 69 7.16 8.75 -6.14
N THR B 70 8.44 8.64 -5.83
CA THR B 70 8.90 8.77 -4.45
C THR B 70 8.88 10.24 -4.06
N VAL B 71 8.50 10.50 -2.81
CA VAL B 71 8.40 11.83 -2.26
C VAL B 71 9.62 12.09 -1.38
N ALA B 72 10.12 13.33 -1.44
CA ALA B 72 11.13 13.80 -0.50
C ALA B 72 10.60 13.69 0.91
N PRO B 73 11.35 13.04 1.82
CA PRO B 73 11.00 13.05 3.24
C PRO B 73 10.80 14.48 3.79
N GLU B 74 11.58 15.43 3.27
CA GLU B 74 11.41 16.85 3.55
C GLU B 74 9.98 17.31 3.24
N PHE B 75 9.45 16.87 2.11
CA PHE B 75 8.08 17.21 1.71
C PHE B 75 7.06 16.67 2.70
N ILE B 76 7.34 15.49 3.27
CA ILE B 76 6.44 14.83 4.21
C ILE B 76 6.34 15.61 5.55
N VAL B 77 7.47 16.18 5.96
CA VAL B 77 7.54 17.00 7.18
C VAL B 77 6.80 18.30 6.93
N LYS B 78 7.07 18.91 5.77
CA LYS B 78 6.41 20.13 5.32
C LYS B 78 4.89 20.01 5.43
N VAL B 79 4.32 18.98 4.81
CA VAL B 79 2.86 18.76 4.86
C VAL B 79 2.36 18.47 6.29
N ARG B 80 3.09 17.64 7.04
CA ARG B 80 2.67 17.31 8.42
C ARG B 80 2.63 18.53 9.33
N LYS B 81 3.71 19.30 9.36
CA LYS B 81 3.74 20.55 10.13
C LYS B 81 2.57 21.45 9.69
N LYS B 82 2.43 21.58 8.37
CA LYS B 82 1.36 22.35 7.74
C LYS B 82 -0.05 21.98 8.25
N LEU B 83 -0.28 20.70 8.51
CA LEU B 83 -1.58 20.21 9.01
C LEU B 83 -1.70 20.24 10.53
N SER B 84 -0.67 20.76 11.22
CA SER B 84 -0.60 20.78 12.69
C SER B 84 -0.74 19.39 13.33
N LEU B 85 -0.13 18.38 12.72
CA LEU B 85 -0.22 16.98 13.20
C LEU B 85 1.10 16.51 13.76
N THR B 86 1.04 15.64 14.76
CA THR B 86 2.23 14.90 15.21
C THR B 86 2.30 13.61 14.41
N GLN B 87 3.37 12.84 14.62
CA GLN B 87 3.62 11.62 13.83
C GLN B 87 2.71 10.46 14.23
N LYS B 88 2.38 10.40 15.51
CA LYS B 88 1.44 9.44 16.09
C LYS B 88 0.05 9.60 15.46
N GLU B 89 -0.36 10.86 15.30
CA GLU B 89 -1.66 11.20 14.73
C GLU B 89 -1.70 10.89 13.23
N ALA B 90 -0.70 11.37 12.50
CA ALA B 90 -0.55 11.08 11.08
C ALA B 90 -0.61 9.57 10.82
N SER B 91 0.19 8.82 11.59
CA SER B 91 0.21 7.35 11.50
C SER B 91 -1.18 6.74 11.65
N GLU B 92 -1.94 7.25 12.61
CA GLU B 92 -3.31 6.81 12.86
C GLU B 92 -4.27 7.23 11.76
N ILE B 93 -4.04 8.43 11.21
CA ILE B 93 -4.92 9.00 10.21
C ILE B 93 -4.64 8.36 8.85
N PHE B 94 -3.37 8.34 8.47
CA PHE B 94 -2.99 7.95 7.09
C PHE B 94 -2.72 6.44 6.95
N GLY B 95 -2.30 5.81 8.05
CA GLY B 95 -2.04 4.37 8.06
C GLY B 95 -0.56 4.08 7.91
N GLY B 96 -0.21 2.80 7.80
CA GLY B 96 1.19 2.38 7.74
C GLY B 96 1.70 1.73 9.01
N GLY B 97 1.14 2.11 10.16
CA GLY B 97 1.51 1.48 11.44
C GLY B 97 2.00 2.46 12.50
N VAL B 98 2.15 1.97 13.73
CA VAL B 98 2.50 2.82 14.88
C VAL B 98 3.63 3.82 14.61
N ASN B 99 4.75 3.33 14.08
CA ASN B 99 5.95 4.17 13.86
C ASN B 99 6.08 4.71 12.43
N ALA B 100 5.01 4.61 11.63
CA ALA B 100 5.01 5.02 10.23
C ALA B 100 5.73 6.34 9.93
N PHE B 101 5.17 7.45 10.38
CA PHE B 101 5.64 8.79 10.00
C PHE B 101 7.02 9.20 10.51
N SER B 102 7.47 8.57 11.59
CA SER B 102 8.83 8.78 12.10
C SER B 102 9.87 8.24 11.11
N ARG B 103 9.56 7.09 10.53
CA ARG B 103 10.46 6.42 9.59
C ARG B 103 10.46 7.08 8.22
N TYR B 104 9.28 7.55 7.79
CA TYR B 104 9.16 8.27 6.52
C TYR B 104 10.06 9.52 6.46
N GLU B 105 10.08 10.29 7.55
CA GLU B 105 10.79 11.57 7.59
C GLU B 105 12.29 11.45 7.86
N LYS B 106 12.71 10.29 8.36
CA LYS B 106 14.13 9.92 8.38
C LYS B 106 14.55 9.31 7.04
N GLY B 107 13.59 8.98 6.19
CA GLY B 107 13.85 8.30 4.91
C GLY B 107 14.04 6.79 5.02
N ASN B 108 13.69 6.23 6.19
CA ASN B 108 13.84 4.79 6.44
C ASN B 108 12.65 3.96 5.97
N ALA B 109 11.59 4.63 5.50
CA ALA B 109 10.47 3.96 4.89
C ALA B 109 9.81 4.87 3.83
N PRO B 111 6.11 5.91 2.29
CA PRO B 111 4.68 5.78 2.49
C PRO B 111 4.00 5.03 1.34
N HIS B 112 2.81 4.49 1.61
CA HIS B 112 1.99 3.87 0.57
C HIS B 112 1.74 4.92 -0.53
N PRO B 113 1.63 4.48 -1.81
CA PRO B 113 1.32 5.43 -2.87
C PRO B 113 0.09 6.30 -2.61
N SER B 114 -0.97 5.73 -2.01
CA SER B 114 -2.18 6.49 -1.66
C SER B 114 -1.94 7.54 -0.58
N THR B 115 -1.06 7.25 0.38
CA THR B 115 -0.70 8.23 1.40
C THR B 115 0.06 9.43 0.79
N ILE B 116 1.01 9.15 -0.09
CA ILE B 116 1.71 10.22 -0.86
C ILE B 116 0.71 11.09 -1.58
N LYS B 117 -0.17 10.47 -2.36
CA LYS B 117 -1.23 11.20 -3.06
C LYS B 117 -2.10 12.02 -2.11
N LEU B 118 -2.49 11.42 -0.99
CA LEU B 118 -3.31 12.10 0.01
C LEU B 118 -2.56 13.31 0.64
N LEU B 119 -1.27 13.13 0.91
CA LEU B 119 -0.40 14.22 1.39
C LEU B 119 -0.12 15.32 0.36
N ARG B 120 0.02 14.95 -0.92
CA ARG B 120 0.16 15.95 -1.99
C ARG B 120 -1.13 16.76 -2.14
N VAL B 121 -2.26 16.07 -2.10
CA VAL B 121 -3.57 16.73 -2.12
C VAL B 121 -3.70 17.69 -0.93
N LEU B 122 -3.32 17.22 0.25
CA LEU B 122 -3.49 18.01 1.48
C LEU B 122 -2.54 19.21 1.54
N ASP B 123 -1.37 19.08 0.92
CA ASP B 123 -0.43 20.19 0.77
C ASP B 123 -1.08 21.36 0.06
N LYS B 124 -1.87 21.08 -0.99
CA LYS B 124 -2.57 22.11 -1.76
C LYS B 124 -3.87 22.56 -1.10
N HIS B 125 -4.54 21.65 -0.39
CA HIS B 125 -5.83 21.94 0.23
C HIS B 125 -5.82 21.39 1.66
N PRO B 126 -5.06 22.04 2.56
CA PRO B 126 -4.91 21.50 3.92
C PRO B 126 -6.20 21.41 4.75
N GLU B 127 -7.22 22.17 4.40
CA GLU B 127 -8.50 22.12 5.12
C GLU B 127 -9.27 20.79 4.97
N LEU B 128 -8.97 20.02 3.93
CA LEU B 128 -9.71 18.75 3.70
C LEU B 128 -9.41 17.70 4.76
N LEU B 129 -8.34 17.89 5.54
CA LEU B 129 -8.01 16.96 6.63
C LEU B 129 -9.21 16.71 7.51
N ASN B 130 -9.93 17.79 7.80
CA ASN B 130 -11.09 17.72 8.67
C ASN B 130 -12.17 16.76 8.14
N GLU B 131 -12.18 16.51 6.82
CA GLU B 131 -13.08 15.49 6.24
C GLU B 131 -12.67 14.07 6.63
N ILE B 132 -11.36 13.79 6.67
CA ILE B 132 -10.89 12.41 6.88
C ILE B 132 -10.15 12.16 8.21
N ARG B 133 -10.10 13.17 9.08
CA ARG B 133 -9.52 13.02 10.41
C ARG B 133 -10.42 12.16 11.29
#